data_5ZAX
#
_entry.id   5ZAX
#
_cell.length_a   47.408
_cell.length_b   47.658
_cell.length_c   152.329
_cell.angle_alpha   90.000
_cell.angle_beta   90.000
_cell.angle_gamma   90.000
#
_symmetry.space_group_name_H-M   'P 21 21 21'
#
loop_
_entity.id
_entity.type
_entity.pdbx_description
1 polymer 'Thymidylate kinase'
2 non-polymer "ADENOSINE-5'-DIPHOSPHATE"
3 non-polymer 'MAGNESIUM ION'
4 non-polymer 'CHLORIDE ION'
5 non-polymer "THYMIDINE-5'-DIPHOSPHATE"
6 non-polymer "THYMIDINE-5'-PHOSPHATE"
7 water water
#
_entity_poly.entity_id   1
_entity_poly.type   'polypeptide(L)'
_entity_poly.pdbx_seq_one_letter_code
;MPGLFLTLEGLDGSGKTTQARRLAAFLEAQGRPVLLTREPGGGLPEVRSLLLTQELSPEAEYLLFSADRAEHVRKVILPG
LAAGKVVISDRYLDSSLAYQGYGRGLPLPWLREVAREATRGLKPRLTFLLDLPPEAALRRVRRPDRLEGLGLEFFRRVRE
GYLALARAEPGRFVVLDATLPEEEIARAIQAHLRPLLP
;
_entity_poly.pdbx_strand_id   A,B
#
loop_
_chem_comp.id
_chem_comp.type
_chem_comp.name
_chem_comp.formula
ADP non-polymer ADENOSINE-5'-DIPHOSPHATE 'C10 H15 N5 O10 P2'
CL non-polymer 'CHLORIDE ION' 'Cl -1'
MG non-polymer 'MAGNESIUM ION' 'Mg 2'
TMP non-polymer THYMIDINE-5'-PHOSPHATE 'C10 H15 N2 O8 P'
TYD non-polymer THYMIDINE-5'-DIPHOSPHATE 'C10 H16 N2 O11 P2'
#
# COMPACT_ATOMS: atom_id res chain seq x y z
N PRO A 2 4.59 -20.63 -20.00
CA PRO A 2 4.39 -21.88 -19.28
C PRO A 2 3.65 -21.67 -17.97
N GLY A 3 3.32 -22.76 -17.30
CA GLY A 3 2.68 -22.71 -15.98
C GLY A 3 1.21 -22.37 -16.06
N LEU A 4 0.48 -22.68 -14.98
CA LEU A 4 -0.95 -22.41 -14.88
C LEU A 4 -1.26 -21.74 -13.54
N PHE A 5 -1.95 -20.60 -13.58
CA PHE A 5 -2.26 -19.82 -12.37
C PHE A 5 -3.73 -20.04 -12.00
N LEU A 6 -3.97 -20.61 -10.82
CA LEU A 6 -5.34 -20.85 -10.31
C LEU A 6 -5.52 -20.16 -8.96
N THR A 7 -6.75 -19.77 -8.65
CA THR A 7 -7.06 -19.20 -7.33
C THR A 7 -8.38 -19.71 -6.77
N LEU A 8 -8.47 -19.65 -5.45
CA LEU A 8 -9.67 -19.97 -4.70
C LEU A 8 -10.15 -18.70 -4.03
N GLU A 9 -11.46 -18.48 -4.10
CA GLU A 9 -12.10 -17.31 -3.53
C GLU A 9 -13.39 -17.68 -2.82
N GLY A 10 -13.82 -16.81 -1.92
CA GLY A 10 -15.06 -16.98 -1.16
C GLY A 10 -14.98 -16.36 0.22
N LEU A 11 -16.09 -16.34 0.94
CA LEU A 11 -16.13 -15.79 2.28
C LEU A 11 -15.33 -16.65 3.24
N ASP A 12 -14.96 -16.05 4.37
CA ASP A 12 -14.36 -16.78 5.50
C ASP A 12 -15.25 -17.98 5.81
N GLY A 13 -14.64 -19.14 5.97
CA GLY A 13 -15.37 -20.39 6.25
C GLY A 13 -16.06 -21.08 5.06
N SER A 14 -15.76 -20.68 3.83
CA SER A 14 -16.42 -21.25 2.62
C SER A 14 -15.79 -22.54 2.07
N GLY A 15 -14.65 -22.96 2.62
CA GLY A 15 -13.93 -24.15 2.15
C GLY A 15 -12.75 -23.89 1.21
N LYS A 16 -12.34 -22.63 1.05
CA LYS A 16 -11.24 -22.27 0.14
C LYS A 16 -9.97 -23.06 0.44
N THR A 17 -9.51 -22.96 1.69
CA THR A 17 -8.28 -23.62 2.15
C THR A 17 -8.38 -25.13 1.99
N THR A 18 -9.49 -25.71 2.44
CA THR A 18 -9.78 -27.13 2.24
C THR A 18 -9.58 -27.53 0.76
N GLN A 19 -10.25 -26.81 -0.15
CA GLN A 19 -10.24 -27.16 -1.58
C GLN A 19 -8.94 -26.88 -2.33
N ALA A 20 -8.21 -25.83 -1.93
CA ALA A 20 -6.89 -25.53 -2.50
C ALA A 20 -5.89 -26.66 -2.18
N ARG A 21 -5.90 -27.12 -0.93
CA ARG A 21 -5.05 -28.23 -0.47
C ARG A 21 -5.41 -29.58 -1.11
N ARG A 22 -6.71 -29.88 -1.23
CA ARG A 22 -7.15 -31.06 -1.97
C ARG A 22 -6.72 -31.00 -3.44
N LEU A 23 -6.88 -29.82 -4.05
CA LEU A 23 -6.51 -29.64 -5.45
C LEU A 23 -5.02 -29.82 -5.66
N ALA A 24 -4.22 -29.12 -4.84
CA ALA A 24 -2.77 -29.25 -4.88
C ALA A 24 -2.34 -30.70 -4.86
N ALA A 25 -2.85 -31.44 -3.87
CA ALA A 25 -2.55 -32.87 -3.71
C ALA A 25 -3.02 -33.71 -4.90
N PHE A 26 -4.21 -33.41 -5.42
CA PHE A 26 -4.73 -34.06 -6.62
C PHE A 26 -3.82 -33.83 -7.83
N LEU A 27 -3.27 -32.62 -7.98
CA LEU A 27 -2.37 -32.33 -9.12
C LEU A 27 -1.00 -32.98 -8.93
N GLU A 28 -0.45 -32.94 -7.71
CA GLU A 28 0.80 -33.64 -7.38
C GLU A 28 0.73 -35.15 -7.66
N ALA A 29 -0.39 -35.79 -7.32
CA ALA A 29 -0.56 -37.23 -7.61
C ALA A 29 -0.57 -37.53 -9.12
N GLN A 30 -1.14 -36.61 -9.90
CA GLN A 30 -1.04 -36.69 -11.37
C GLN A 30 0.37 -36.42 -11.93
N GLY A 31 1.34 -36.15 -11.05
CA GLY A 31 2.73 -35.95 -11.47
C GLY A 31 3.07 -34.54 -11.96
N ARG A 32 2.23 -33.56 -11.64
CA ARG A 32 2.43 -32.16 -12.04
C ARG A 32 3.08 -31.36 -10.91
N PRO A 33 4.01 -30.45 -11.23
CA PRO A 33 4.60 -29.62 -10.18
C PRO A 33 3.64 -28.52 -9.71
N VAL A 34 3.47 -28.40 -8.39
CA VAL A 34 2.50 -27.48 -7.81
C VAL A 34 3.13 -26.56 -6.75
N LEU A 35 2.76 -25.28 -6.80
CA LEU A 35 3.15 -24.31 -5.78
C LEU A 35 1.87 -23.79 -5.10
N LEU A 36 1.72 -24.17 -3.83
CA LEU A 36 0.60 -23.78 -3.01
C LEU A 36 0.97 -22.53 -2.25
N THR A 37 0.19 -21.47 -2.42
CA THR A 37 0.45 -20.21 -1.73
C THR A 37 -0.86 -19.59 -1.24
N ARG A 38 -0.80 -18.35 -0.76
CA ARG A 38 -1.95 -17.74 -0.10
C ARG A 38 -1.81 -16.25 0.10
N GLU A 39 -2.95 -15.60 0.37
CA GLU A 39 -2.95 -14.19 0.74
C GLU A 39 -3.97 -13.88 1.85
N PRO A 40 -3.63 -13.03 2.82
CA PRO A 40 -2.36 -12.31 2.91
C PRO A 40 -1.25 -13.11 3.58
N GLY A 41 0.00 -12.90 3.15
CA GLY A 41 1.18 -13.46 3.82
C GLY A 41 2.19 -14.12 2.91
N GLY A 42 1.73 -14.60 1.75
CA GLY A 42 2.59 -15.28 0.78
C GLY A 42 3.76 -14.47 0.24
N GLY A 43 3.59 -13.15 0.16
CA GLY A 43 4.66 -12.22 -0.24
C GLY A 43 5.41 -11.61 0.93
N LEU A 44 4.64 -11.12 1.91
CA LEU A 44 5.18 -10.46 3.10
C LEU A 44 4.47 -11.05 4.33
N PRO A 45 5.08 -12.09 4.95
CA PRO A 45 4.45 -12.74 6.12
C PRO A 45 3.98 -11.77 7.21
N GLU A 46 4.78 -10.71 7.47
CA GLU A 46 4.51 -9.76 8.54
C GLU A 46 3.28 -8.87 8.32
N VAL A 47 2.69 -8.89 7.12
CA VAL A 47 1.47 -8.12 6.82
C VAL A 47 0.25 -8.51 7.67
N ARG A 48 0.19 -9.78 8.10
CA ARG A 48 -0.91 -10.25 8.95
C ARG A 48 -0.90 -9.54 10.31
N SER A 49 0.30 -9.21 10.81
CA SER A 49 0.45 -8.36 11.99
C SER A 49 -0.09 -6.98 11.70
N LEU A 50 0.39 -6.38 10.62
CA LEU A 50 -0.06 -5.07 10.16
C LEU A 50 -1.58 -4.98 9.99
N LEU A 51 -2.19 -6.00 9.40
CA LEU A 51 -3.62 -6.01 9.13
C LEU A 51 -4.52 -6.02 10.37
N LEU A 52 -4.00 -6.52 11.49
CA LEU A 52 -4.75 -6.52 12.75
C LEU A 52 -4.85 -5.15 13.45
N THR A 53 -4.10 -4.15 13.00
CA THR A 53 -4.08 -2.82 13.63
C THR A 53 -5.48 -2.27 13.92
N GLN A 54 -5.68 -1.78 15.14
CA GLN A 54 -7.00 -1.28 15.58
C GLN A 54 -7.46 -0.07 14.76
N GLU A 55 -8.76 -0.01 14.48
CA GLU A 55 -9.42 1.06 13.71
C GLU A 55 -8.73 1.45 12.38
N LEU A 56 -8.18 0.46 11.70
CA LEU A 56 -7.47 0.67 10.44
C LEU A 56 -8.45 1.18 9.40
N SER A 57 -8.12 2.30 8.76
CA SER A 57 -8.96 2.83 7.68
C SER A 57 -8.99 1.82 6.53
N PRO A 58 -10.08 1.80 5.74
CA PRO A 58 -10.14 0.85 4.62
C PRO A 58 -9.09 1.10 3.49
N GLU A 59 -8.62 2.33 3.34
CA GLU A 59 -7.59 2.65 2.35
C GLU A 59 -6.25 2.01 2.74
N ALA A 60 -5.83 2.26 3.99
CA ALA A 60 -4.60 1.63 4.52
C ALA A 60 -4.70 0.10 4.49
N GLU A 61 -5.89 -0.40 4.79
CA GLU A 61 -6.15 -1.83 4.75
C GLU A 61 -5.84 -2.42 3.39
N TYR A 62 -6.42 -1.83 2.34
CA TYR A 62 -6.17 -2.30 0.97
C TYR A 62 -4.70 -2.12 0.52
N LEU A 63 -4.09 -1.01 0.91
CA LEU A 63 -2.66 -0.78 0.60
C LEU A 63 -1.73 -1.79 1.29
N LEU A 64 -2.12 -2.26 2.48
CA LEU A 64 -1.40 -3.34 3.16
C LEU A 64 -1.54 -4.67 2.40
N PHE A 65 -2.77 -5.05 2.07
CA PHE A 65 -3.02 -6.22 1.21
C PHE A 65 -2.23 -6.12 -0.11
N SER A 66 -2.16 -4.91 -0.66
CA SER A 66 -1.47 -4.66 -1.92
C SER A 66 0.05 -4.73 -1.80
N ALA A 67 0.61 -4.27 -0.68
CA ALA A 67 2.04 -4.39 -0.44
C ALA A 67 2.43 -5.87 -0.52
N ASP A 68 1.71 -6.67 0.27
CA ASP A 68 1.87 -8.12 0.27
C ASP A 68 1.68 -8.73 -1.12
N ARG A 69 0.69 -8.25 -1.86
CA ARG A 69 0.38 -8.77 -3.20
C ARG A 69 1.48 -8.50 -4.21
N ALA A 70 2.07 -7.30 -4.15
CA ALA A 70 3.19 -6.92 -4.99
C ALA A 70 4.42 -7.79 -4.77
N GLU A 71 4.73 -8.05 -3.50
CA GLU A 71 5.85 -8.90 -3.15
C GLU A 71 5.55 -10.35 -3.54
N HIS A 72 4.30 -10.76 -3.31
CA HIS A 72 3.86 -12.12 -3.60
C HIS A 72 3.96 -12.46 -5.07
N VAL A 73 3.56 -11.51 -5.92
CA VAL A 73 3.63 -11.70 -7.37
C VAL A 73 5.08 -11.83 -7.84
N ARG A 74 5.93 -10.91 -7.40
CA ARG A 74 7.32 -10.83 -7.84
C ARG A 74 8.19 -11.99 -7.36
N LYS A 75 8.07 -12.36 -6.08
CA LYS A 75 8.99 -13.33 -5.46
C LYS A 75 8.52 -14.77 -5.46
N VAL A 76 7.20 -15.00 -5.58
CA VAL A 76 6.61 -16.33 -5.43
C VAL A 76 5.85 -16.80 -6.68
N ILE A 77 4.83 -16.04 -7.09
CA ILE A 77 3.91 -16.49 -8.14
C ILE A 77 4.55 -16.52 -9.53
N LEU A 78 5.08 -15.39 -10.00
CA LEU A 78 5.71 -15.34 -11.34
C LEU A 78 6.90 -16.30 -11.52
N PRO A 79 7.84 -16.34 -10.56
CA PRO A 79 8.93 -17.34 -10.65
C PRO A 79 8.47 -18.81 -10.62
N GLY A 80 7.38 -19.11 -9.91
CA GLY A 80 6.75 -20.44 -9.96
C GLY A 80 6.14 -20.74 -11.32
N LEU A 81 5.35 -19.81 -11.85
CA LEU A 81 4.79 -19.93 -13.19
C LEU A 81 5.87 -20.04 -14.27
N ALA A 82 6.95 -19.27 -14.14
CA ALA A 82 8.04 -19.29 -15.12
C ALA A 82 8.71 -20.67 -15.22
N ALA A 83 8.73 -21.41 -14.10
CA ALA A 83 9.23 -22.77 -14.06
C ALA A 83 8.21 -23.86 -14.47
N GLY A 84 7.06 -23.47 -15.01
CA GLY A 84 6.04 -24.42 -15.43
C GLY A 84 5.20 -25.06 -14.31
N LYS A 85 5.27 -24.51 -13.09
CA LYS A 85 4.44 -25.02 -12.00
C LYS A 85 3.00 -24.58 -12.18
N VAL A 86 2.06 -25.39 -11.70
CA VAL A 86 0.69 -24.94 -11.48
C VAL A 86 0.74 -24.21 -10.14
N VAL A 87 0.40 -22.92 -10.15
CA VAL A 87 0.44 -22.11 -8.93
C VAL A 87 -0.98 -21.86 -8.49
N ILE A 88 -1.27 -22.27 -7.26
CA ILE A 88 -2.59 -22.14 -6.66
C ILE A 88 -2.46 -21.15 -5.50
N SER A 89 -3.20 -20.05 -5.56
CA SER A 89 -3.25 -19.11 -4.45
C SER A 89 -4.62 -19.14 -3.77
N ASP A 90 -4.57 -19.34 -2.45
CA ASP A 90 -5.72 -19.27 -1.58
C ASP A 90 -5.92 -17.77 -1.33
N ARG A 91 -6.86 -17.18 -2.06
CA ARG A 91 -7.12 -15.73 -2.14
C ARG A 91 -6.14 -15.02 -3.06
N TYR A 92 -6.65 -14.09 -3.87
CA TYR A 92 -5.83 -13.18 -4.71
C TYR A 92 -6.55 -11.81 -4.81
N LEU A 93 -6.33 -11.05 -5.88
CA LEU A 93 -6.91 -9.70 -6.07
C LEU A 93 -8.42 -9.62 -5.85
N ASP A 94 -9.16 -10.64 -6.28
CA ASP A 94 -10.61 -10.67 -6.10
C ASP A 94 -11.08 -10.52 -4.66
N SER A 95 -10.28 -11.04 -3.71
CA SER A 95 -10.55 -10.82 -2.29
C SER A 95 -10.64 -9.33 -1.98
N SER A 96 -9.67 -8.56 -2.45
CA SER A 96 -9.69 -7.10 -2.26
C SER A 96 -10.87 -6.43 -2.95
N LEU A 97 -11.19 -6.84 -4.17
CA LEU A 97 -12.29 -6.23 -4.89
C LEU A 97 -13.60 -6.46 -4.13
N ALA A 98 -13.80 -7.67 -3.61
CA ALA A 98 -15.03 -8.03 -2.87
C ALA A 98 -15.05 -7.47 -1.45
N TYR A 99 -13.96 -7.64 -0.71
CA TYR A 99 -13.90 -7.16 0.67
C TYR A 99 -13.72 -5.64 0.71
N GLN A 100 -12.65 -5.13 0.11
CA GLN A 100 -12.36 -3.71 0.21
C GLN A 100 -13.17 -2.84 -0.75
N GLY A 101 -13.59 -3.38 -1.88
CA GLY A 101 -14.52 -2.68 -2.78
C GLY A 101 -15.96 -2.76 -2.33
N TYR A 102 -16.58 -3.91 -2.53
CA TYR A 102 -18.00 -4.10 -2.20
C TYR A 102 -18.27 -4.04 -0.69
N GLY A 103 -17.35 -4.57 0.11
CA GLY A 103 -17.49 -4.54 1.58
C GLY A 103 -17.25 -3.18 2.21
N ARG A 104 -16.05 -2.63 2.01
CA ARG A 104 -15.68 -1.34 2.62
C ARG A 104 -16.17 -0.10 1.86
N GLY A 105 -16.49 -0.28 0.58
CA GLY A 105 -17.03 0.82 -0.25
C GLY A 105 -15.97 1.63 -0.99
N LEU A 106 -14.72 1.15 -1.01
CA LEU A 106 -13.66 1.81 -1.76
C LEU A 106 -13.94 1.73 -3.25
N PRO A 107 -13.62 2.79 -4.00
CA PRO A 107 -13.93 2.78 -5.43
C PRO A 107 -13.11 1.74 -6.18
N LEU A 108 -13.82 0.85 -6.89
CA LEU A 108 -13.19 -0.21 -7.69
C LEU A 108 -12.14 0.25 -8.69
N PRO A 109 -12.40 1.34 -9.43
CA PRO A 109 -11.37 1.84 -10.35
C PRO A 109 -10.04 2.21 -9.67
N TRP A 110 -10.10 2.77 -8.46
CA TRP A 110 -8.88 3.05 -7.71
C TRP A 110 -8.19 1.75 -7.35
N LEU A 111 -8.95 0.81 -6.79
CA LEU A 111 -8.43 -0.51 -6.43
C LEU A 111 -7.70 -1.13 -7.61
N ARG A 112 -8.35 -1.15 -8.77
CA ARG A 112 -7.76 -1.71 -9.99
C ARG A 112 -6.53 -0.95 -10.46
N GLU A 113 -6.53 0.37 -10.31
CA GLU A 113 -5.37 1.19 -10.68
C GLU A 113 -4.16 0.90 -9.78
N VAL A 114 -4.41 0.72 -8.49
CA VAL A 114 -3.37 0.27 -7.56
C VAL A 114 -2.90 -1.14 -7.95
N ALA A 115 -3.86 -2.00 -8.32
CA ALA A 115 -3.56 -3.39 -8.70
C ALA A 115 -2.67 -3.54 -9.93
N ARG A 116 -2.85 -2.68 -10.94
CA ARG A 116 -2.06 -2.74 -12.19
C ARG A 116 -0.58 -2.96 -11.97
N GLU A 117 0.05 -2.05 -11.22
CA GLU A 117 1.47 -2.17 -10.90
C GLU A 117 1.75 -3.18 -9.79
N ALA A 118 0.79 -3.38 -8.89
CA ALA A 118 0.94 -4.39 -7.84
C ALA A 118 1.05 -5.81 -8.41
N THR A 119 0.12 -6.17 -9.30
CA THR A 119 0.10 -7.49 -9.94
C THR A 119 0.81 -7.57 -11.29
N ARG A 120 1.16 -6.43 -11.86
CA ARG A 120 1.75 -6.35 -13.21
C ARG A 120 0.81 -6.98 -14.26
N GLY A 121 -0.50 -6.81 -14.07
CA GLY A 121 -1.50 -7.40 -14.97
C GLY A 121 -1.84 -8.88 -14.80
N LEU A 122 -1.08 -9.61 -13.98
CA LEU A 122 -1.26 -11.06 -13.84
C LEU A 122 -2.63 -11.42 -13.26
N LYS A 123 -3.41 -12.13 -14.07
CA LYS A 123 -4.72 -12.65 -13.70
C LYS A 123 -4.68 -14.17 -13.77
N PRO A 124 -5.38 -14.85 -12.85
CA PRO A 124 -5.44 -16.31 -12.95
C PRO A 124 -6.27 -16.77 -14.13
N ARG A 125 -5.97 -17.98 -14.61
CA ARG A 125 -6.70 -18.57 -15.73
C ARG A 125 -8.09 -19.00 -15.28
N LEU A 126 -8.18 -19.58 -14.09
CA LEU A 126 -9.43 -19.97 -13.48
C LEU A 126 -9.44 -19.51 -12.02
N THR A 127 -10.61 -19.10 -11.55
CA THR A 127 -10.81 -18.72 -10.16
C THR A 127 -12.05 -19.45 -9.67
N PHE A 128 -11.87 -20.25 -8.62
CA PHE A 128 -12.97 -21.01 -8.06
C PHE A 128 -13.59 -20.27 -6.89
N LEU A 129 -14.79 -19.73 -7.13
CA LEU A 129 -15.57 -19.04 -6.11
C LEU A 129 -16.44 -20.06 -5.39
N LEU A 130 -16.20 -20.20 -4.10
CA LEU A 130 -17.03 -21.05 -3.26
C LEU A 130 -18.07 -20.13 -2.68
N ASP A 131 -19.25 -20.13 -3.29
CA ASP A 131 -20.32 -19.22 -2.90
C ASP A 131 -21.01 -19.74 -1.65
N LEU A 132 -20.82 -19.03 -0.54
CA LEU A 132 -21.37 -19.38 0.77
C LEU A 132 -22.37 -18.33 1.22
N PRO A 133 -23.53 -18.73 1.78
CA PRO A 133 -24.46 -17.77 2.41
C PRO A 133 -23.81 -16.94 3.54
N PRO A 134 -24.09 -15.62 3.57
CA PRO A 134 -23.35 -14.68 4.44
C PRO A 134 -23.42 -15.00 5.93
N GLU A 135 -24.60 -15.43 6.40
CA GLU A 135 -24.81 -15.83 7.81
C GLU A 135 -23.93 -17.00 8.27
N ALA A 136 -23.56 -17.88 7.33
CA ALA A 136 -22.65 -18.98 7.63
C ALA A 136 -21.19 -18.55 7.85
N ALA A 137 -20.83 -17.35 7.38
CA ALA A 137 -19.44 -16.85 7.48
C ALA A 137 -19.03 -16.50 8.90
N LEU A 138 -17.79 -16.86 9.24
CA LEU A 138 -17.23 -16.68 10.58
C LEU A 138 -15.73 -16.34 10.48
N ARG A 146 -8.18 -12.22 11.22
CA ARG A 146 -9.23 -11.34 11.75
C ARG A 146 -9.23 -9.98 11.04
N LEU A 147 -10.28 -9.19 11.30
CA LEU A 147 -10.44 -7.86 10.70
C LEU A 147 -11.53 -7.06 11.43
N GLU A 148 -11.50 -5.73 11.27
CA GLU A 148 -12.35 -4.82 12.06
C GLU A 148 -13.80 -4.78 11.57
N GLY A 149 -14.74 -5.00 12.48
CA GLY A 149 -16.17 -4.88 12.18
C GLY A 149 -16.69 -5.84 11.13
N LEU A 150 -16.25 -7.11 11.21
CA LEU A 150 -16.67 -8.13 10.24
C LEU A 150 -18.10 -8.60 10.54
N GLY A 151 -19.08 -7.72 10.32
CA GLY A 151 -20.47 -7.96 10.69
C GLY A 151 -21.24 -8.66 9.58
N LEU A 152 -22.52 -8.92 9.85
CA LEU A 152 -23.39 -9.65 8.92
C LEU A 152 -23.69 -8.81 7.67
N GLU A 153 -23.91 -7.50 7.86
CA GLU A 153 -24.21 -6.57 6.77
C GLU A 153 -23.05 -6.51 5.78
N PHE A 154 -21.85 -6.40 6.33
CA PHE A 154 -20.61 -6.46 5.57
C PHE A 154 -20.52 -7.71 4.68
N PHE A 155 -20.78 -8.88 5.28
CA PHE A 155 -20.67 -10.16 4.58
C PHE A 155 -21.66 -10.34 3.44
N ARG A 156 -22.85 -9.76 3.58
CA ARG A 156 -23.84 -9.74 2.49
C ARG A 156 -23.30 -8.97 1.30
N ARG A 157 -22.77 -7.78 1.55
CA ARG A 157 -22.15 -6.96 0.51
C ARG A 157 -20.97 -7.68 -0.14
N VAL A 158 -20.13 -8.31 0.67
CA VAL A 158 -18.98 -9.05 0.14
C VAL A 158 -19.42 -10.26 -0.69
N ARG A 159 -20.44 -10.97 -0.23
CA ARG A 159 -20.93 -12.16 -0.94
C ARG A 159 -21.45 -11.79 -2.30
N GLU A 160 -22.30 -10.77 -2.31
CA GLU A 160 -22.92 -10.29 -3.56
C GLU A 160 -21.91 -9.66 -4.51
N GLY A 161 -20.89 -9.02 -3.95
CA GLY A 161 -19.73 -8.54 -4.70
C GLY A 161 -19.03 -9.63 -5.47
N TYR A 162 -18.73 -10.74 -4.79
CA TYR A 162 -18.13 -11.92 -5.42
C TYR A 162 -18.97 -12.41 -6.60
N LEU A 163 -20.29 -12.47 -6.41
CA LEU A 163 -21.21 -12.91 -7.46
C LEU A 163 -21.28 -11.95 -8.65
N ALA A 164 -21.13 -10.65 -8.38
CA ALA A 164 -21.05 -9.63 -9.45
C ALA A 164 -19.73 -9.71 -10.23
N LEU A 165 -18.63 -9.96 -9.51
CA LEU A 165 -17.33 -10.20 -10.15
C LEU A 165 -17.36 -11.48 -11.00
N ALA A 166 -18.09 -12.50 -10.55
CA ALA A 166 -18.29 -13.72 -11.33
C ALA A 166 -19.03 -13.46 -12.65
N ARG A 167 -20.12 -12.70 -12.59
CA ARG A 167 -20.91 -12.32 -13.79
C ARG A 167 -20.14 -11.45 -14.80
N ALA A 168 -19.28 -10.57 -14.29
CA ALA A 168 -18.47 -9.67 -15.13
C ALA A 168 -17.37 -10.41 -15.91
N GLU A 169 -16.89 -11.53 -15.34
CA GLU A 169 -15.86 -12.37 -15.96
C GLU A 169 -16.25 -13.86 -15.91
N PRO A 170 -17.33 -14.22 -16.62
CA PRO A 170 -17.88 -15.59 -16.47
C PRO A 170 -17.01 -16.73 -17.05
N GLY A 171 -16.03 -16.39 -17.90
CA GLY A 171 -15.05 -17.36 -18.39
C GLY A 171 -13.92 -17.68 -17.42
N ARG A 172 -13.54 -16.69 -16.58
CA ARG A 172 -12.52 -16.91 -15.54
C ARG A 172 -13.11 -17.56 -14.27
N PHE A 173 -14.28 -17.09 -13.84
CA PHE A 173 -14.94 -17.61 -12.64
C PHE A 173 -15.68 -18.92 -12.89
N VAL A 174 -15.58 -19.80 -11.91
CA VAL A 174 -16.42 -20.98 -11.81
C VAL A 174 -17.04 -20.86 -10.43
N VAL A 175 -18.35 -20.63 -10.40
CA VAL A 175 -19.09 -20.48 -9.16
C VAL A 175 -19.55 -21.87 -8.73
N LEU A 176 -19.23 -22.23 -7.48
CA LEU A 176 -19.66 -23.50 -6.91
C LEU A 176 -20.35 -23.27 -5.57
N ASP A 177 -21.27 -24.18 -5.24
CA ASP A 177 -22.11 -24.11 -4.04
C ASP A 177 -21.35 -24.68 -2.84
N ALA A 178 -20.96 -23.79 -1.94
CA ALA A 178 -20.11 -24.14 -0.80
C ALA A 178 -20.77 -25.03 0.26
N THR A 179 -22.10 -25.17 0.20
CA THR A 179 -22.84 -26.08 1.11
C THR A 179 -22.80 -27.55 0.68
N LEU A 180 -22.47 -27.81 -0.59
CA LEU A 180 -22.29 -29.18 -1.08
C LEU A 180 -21.12 -29.85 -0.35
N PRO A 181 -21.16 -31.18 -0.14
CA PRO A 181 -20.02 -31.90 0.46
C PRO A 181 -18.69 -31.69 -0.26
N GLU A 182 -17.60 -31.84 0.49
CA GLU A 182 -16.26 -31.47 0.05
C GLU A 182 -15.78 -32.29 -1.16
N GLU A 183 -16.17 -33.57 -1.20
CA GLU A 183 -15.76 -34.46 -2.31
C GLU A 183 -16.39 -33.99 -3.61
N GLU A 184 -17.63 -33.52 -3.53
CA GLU A 184 -18.36 -33.07 -4.70
C GLU A 184 -17.83 -31.76 -5.25
N ILE A 185 -17.43 -30.86 -4.35
CA ILE A 185 -16.82 -29.60 -4.76
C ILE A 185 -15.49 -29.89 -5.45
N ALA A 186 -14.66 -30.71 -4.81
CA ALA A 186 -13.36 -31.09 -5.37
C ALA A 186 -13.50 -31.76 -6.72
N ARG A 187 -14.43 -32.71 -6.84
CA ARG A 187 -14.67 -33.35 -8.14
C ARG A 187 -15.11 -32.34 -9.21
N ALA A 188 -15.95 -31.39 -8.84
CA ALA A 188 -16.40 -30.34 -9.77
C ALA A 188 -15.25 -29.42 -10.17
N ILE A 189 -14.42 -29.03 -9.21
CA ILE A 189 -13.20 -28.27 -9.52
C ILE A 189 -12.31 -29.07 -10.50
N GLN A 190 -12.07 -30.34 -10.20
CA GLN A 190 -11.24 -31.18 -11.05
C GLN A 190 -11.78 -31.29 -12.48
N ALA A 191 -13.10 -31.35 -12.64
CA ALA A 191 -13.73 -31.42 -13.97
C ALA A 191 -13.53 -30.15 -14.81
N HIS A 192 -13.59 -28.97 -14.16
CA HIS A 192 -13.29 -27.70 -14.84
C HIS A 192 -11.81 -27.55 -15.22
N LEU A 193 -10.93 -28.30 -14.58
CA LEU A 193 -9.49 -28.33 -14.90
C LEU A 193 -9.14 -29.22 -16.08
N ARG A 194 -9.81 -30.36 -16.19
CA ARG A 194 -9.42 -31.44 -17.14
C ARG A 194 -9.03 -30.98 -18.55
N PRO A 195 -9.80 -30.06 -19.19
CA PRO A 195 -9.40 -29.56 -20.52
C PRO A 195 -8.14 -28.69 -20.53
N LEU A 196 -7.85 -28.00 -19.43
CA LEU A 196 -6.68 -27.10 -19.34
C LEU A 196 -5.34 -27.80 -19.02
N LEU A 197 -5.34 -29.10 -18.76
CA LEU A 197 -4.12 -29.81 -18.32
C LEU A 197 -3.31 -30.52 -19.43
N PRO A 198 -3.76 -31.70 -19.92
CA PRO A 198 -2.92 -32.43 -20.87
C PRO A 198 -2.88 -31.80 -22.27
N PRO B 2 -9.47 26.30 9.40
CA PRO B 2 -8.25 26.87 9.96
C PRO B 2 -7.05 25.91 9.80
N GLY B 3 -5.95 26.19 10.48
CA GLY B 3 -4.80 25.28 10.49
C GLY B 3 -3.94 25.46 9.24
N LEU B 4 -2.65 25.14 9.39
CA LEU B 4 -1.66 25.31 8.32
C LEU B 4 -0.79 24.07 8.24
N PHE B 5 -0.65 23.51 7.03
CA PHE B 5 0.11 22.26 6.81
C PHE B 5 1.43 22.54 6.10
N LEU B 6 2.54 22.21 6.77
CA LEU B 6 3.88 22.43 6.23
C LEU B 6 4.66 21.16 6.26
N THR B 7 5.53 20.98 5.28
CA THR B 7 6.39 19.81 5.24
C THR B 7 7.83 20.19 5.00
N LEU B 8 8.71 19.29 5.42
CA LEU B 8 10.13 19.37 5.17
C LEU B 8 10.57 18.08 4.47
N GLU B 9 11.51 18.24 3.54
CA GLU B 9 12.00 17.18 2.69
C GLU B 9 13.50 17.35 2.49
N GLY B 10 14.12 16.27 2.01
CA GLY B 10 15.55 16.23 1.74
C GLY B 10 16.07 14.82 1.98
N LEU B 11 17.37 14.64 1.71
CA LEU B 11 18.07 13.39 2.01
C LEU B 11 18.21 13.21 3.52
N ASP B 12 18.45 11.98 3.96
CA ASP B 12 18.73 11.75 5.39
C ASP B 12 20.00 12.53 5.74
N GLY B 13 19.96 13.25 6.86
CA GLY B 13 21.08 14.09 7.30
C GLY B 13 21.14 15.46 6.63
N SER B 14 20.06 15.86 5.95
CA SER B 14 19.94 17.21 5.41
C SER B 14 19.50 18.21 6.47
N GLY B 15 19.13 17.72 7.66
CA GLY B 15 18.78 18.58 8.80
C GLY B 15 17.31 18.88 8.93
N LYS B 16 16.44 17.94 8.51
CA LYS B 16 14.98 18.15 8.50
C LYS B 16 14.39 18.19 9.91
N THR B 17 14.74 17.19 10.70
CA THR B 17 14.29 17.10 12.10
C THR B 17 14.71 18.36 12.86
N THR B 18 15.98 18.75 12.68
CA THR B 18 16.55 19.94 13.30
C THR B 18 15.70 21.19 12.98
N GLN B 19 15.45 21.43 11.69
CA GLN B 19 14.65 22.58 11.26
C GLN B 19 13.17 22.46 11.65
N ALA B 20 12.65 21.23 11.68
CA ALA B 20 11.31 20.98 12.19
C ALA B 20 11.21 21.36 13.66
N ARG B 21 12.24 21.00 14.43
CA ARG B 21 12.35 21.36 15.85
C ARG B 21 12.39 22.86 16.05
N ARG B 22 13.21 23.56 15.25
CA ARG B 22 13.34 25.02 15.36
C ARG B 22 12.10 25.77 14.87
N LEU B 23 11.43 25.24 13.85
CA LEU B 23 10.21 25.87 13.33
C LEU B 23 9.06 25.78 14.34
N ALA B 24 8.92 24.61 14.98
CA ALA B 24 7.96 24.43 16.07
C ALA B 24 8.20 25.43 17.20
N ALA B 25 9.44 25.50 17.68
CA ALA B 25 9.86 26.44 18.72
C ALA B 25 9.56 27.89 18.38
N PHE B 26 9.78 28.26 17.13
CA PHE B 26 9.47 29.60 16.61
C PHE B 26 7.96 29.91 16.69
N LEU B 27 7.13 28.94 16.30
CA LEU B 27 5.67 29.13 16.30
C LEU B 27 5.09 29.09 17.71
N GLU B 28 5.66 28.25 18.56
CA GLU B 28 5.36 28.27 20.00
C GLU B 28 5.69 29.61 20.65
N ALA B 29 6.82 30.20 20.26
CA ALA B 29 7.22 31.52 20.75
C ALA B 29 6.26 32.66 20.34
N GLN B 30 5.53 32.46 19.24
CA GLN B 30 4.47 33.38 18.82
C GLN B 30 3.07 32.99 19.34
N GLY B 31 2.98 31.98 20.19
CA GLY B 31 1.69 31.52 20.73
C GLY B 31 0.85 30.64 19.83
N ARG B 32 1.37 30.28 18.66
CA ARG B 32 0.61 29.50 17.68
C ARG B 32 0.68 28.02 18.03
N PRO B 33 -0.50 27.35 18.19
CA PRO B 33 -0.47 25.89 18.43
C PRO B 33 0.25 25.14 17.31
N VAL B 34 1.12 24.20 17.69
CA VAL B 34 1.91 23.41 16.72
C VAL B 34 1.81 21.92 17.03
N LEU B 35 1.94 21.10 15.99
CA LEU B 35 2.05 19.64 16.13
C LEU B 35 3.14 19.10 15.19
N LEU B 36 4.21 18.53 15.76
CA LEU B 36 5.22 17.82 14.99
C LEU B 36 4.82 16.37 14.80
N THR B 37 5.21 15.84 13.64
CA THR B 37 4.93 14.46 13.28
C THR B 37 5.88 14.13 12.14
N ARG B 38 5.83 12.89 11.66
CA ARG B 38 6.78 12.45 10.66
C ARG B 38 6.33 11.22 9.90
N GLU B 39 7.01 10.98 8.79
CA GLU B 39 6.91 9.71 8.09
C GLU B 39 8.30 9.16 7.81
N PRO B 40 8.48 7.84 7.80
CA PRO B 40 7.46 6.86 8.18
C PRO B 40 7.27 6.74 9.71
N GLY B 41 6.11 6.28 10.15
CA GLY B 41 5.86 5.94 11.55
C GLY B 41 4.65 6.60 12.17
N GLY B 42 4.33 7.81 11.70
CA GLY B 42 3.25 8.62 12.26
C GLY B 42 1.86 8.03 12.20
N GLY B 43 1.60 7.20 11.20
CA GLY B 43 0.31 6.50 11.08
C GLY B 43 0.38 5.09 11.63
N LEU B 44 1.31 4.31 11.06
CA LEU B 44 1.57 2.95 11.48
C LEU B 44 3.03 2.84 11.89
N PRO B 45 3.32 2.97 13.20
CA PRO B 45 4.69 2.73 13.68
C PRO B 45 5.32 1.39 13.26
N GLU B 46 4.51 0.35 13.08
CA GLU B 46 5.01 -0.98 12.73
C GLU B 46 5.63 -1.04 11.33
N VAL B 47 5.10 -0.25 10.41
CA VAL B 47 5.68 -0.10 9.06
C VAL B 47 7.13 0.36 9.16
N ARG B 48 7.36 1.38 9.99
CA ARG B 48 8.68 1.97 10.12
C ARG B 48 9.70 0.93 10.59
N SER B 49 9.35 0.19 11.64
CA SER B 49 10.24 -0.85 12.20
C SER B 49 10.40 -2.07 11.29
N LEU B 50 9.39 -2.37 10.49
CA LEU B 50 9.45 -3.48 9.54
C LEU B 50 10.38 -3.15 8.35
N LEU B 51 10.27 -1.92 7.83
CA LEU B 51 11.13 -1.46 6.73
C LEU B 51 12.59 -1.22 7.15
N LEU B 52 12.81 -0.98 8.44
CA LEU B 52 14.14 -0.80 9.02
C LEU B 52 15.05 -2.02 8.81
N THR B 53 14.50 -3.20 9.05
CA THR B 53 15.27 -4.45 9.01
C THR B 53 14.92 -5.37 7.82
N GLN B 54 14.30 -4.82 6.77
CA GLN B 54 13.89 -5.64 5.62
C GLN B 54 13.76 -4.81 4.35
N GLU B 55 14.35 -5.28 3.27
CA GLU B 55 14.24 -4.64 1.95
C GLU B 55 13.25 -5.45 1.10
N LEU B 56 12.33 -4.75 0.46
CA LEU B 56 11.29 -5.34 -0.37
C LEU B 56 11.47 -4.86 -1.82
N SER B 57 10.53 -5.21 -2.69
CA SER B 57 10.45 -4.57 -4.00
C SER B 57 10.00 -3.11 -3.79
N PRO B 58 10.40 -2.19 -4.69
CA PRO B 58 9.97 -0.79 -4.62
C PRO B 58 8.45 -0.63 -4.56
N GLU B 59 7.75 -1.46 -5.35
CA GLU B 59 6.30 -1.43 -5.41
C GLU B 59 5.73 -1.77 -4.03
N ALA B 60 6.20 -2.87 -3.46
CA ALA B 60 5.78 -3.30 -2.13
C ALA B 60 6.12 -2.26 -1.07
N GLU B 61 7.33 -1.69 -1.14
CA GLU B 61 7.73 -0.71 -0.13
C GLU B 61 6.94 0.62 -0.28
N TYR B 62 6.65 1.04 -1.50
CA TYR B 62 5.79 2.23 -1.69
C TYR B 62 4.40 2.03 -1.06
N LEU B 63 3.84 0.85 -1.22
CA LEU B 63 2.50 0.59 -0.71
C LEU B 63 2.46 0.60 0.82
N LEU B 64 3.54 0.15 1.47
CA LEU B 64 3.64 0.24 2.92
C LEU B 64 3.76 1.69 3.38
N PHE B 65 4.63 2.46 2.72
CA PHE B 65 4.73 3.90 2.99
C PHE B 65 3.36 4.58 2.85
N SER B 66 2.60 4.16 1.83
CA SER B 66 1.29 4.74 1.54
C SER B 66 0.18 4.34 2.50
N ALA B 67 0.28 3.14 3.08
CA ALA B 67 -0.64 2.70 4.14
C ALA B 67 -0.38 3.49 5.40
N ASP B 68 0.89 3.66 5.74
CA ASP B 68 1.29 4.48 6.87
C ASP B 68 0.79 5.91 6.69
N ARG B 69 1.10 6.49 5.54
CA ARG B 69 0.64 7.81 5.15
C ARG B 69 -0.86 7.98 5.24
N ALA B 70 -1.59 6.94 4.83
CA ALA B 70 -3.06 6.96 4.89
C ALA B 70 -3.61 7.03 6.33
N GLU B 71 -3.01 6.26 7.23
CA GLU B 71 -3.33 6.36 8.67
C GLU B 71 -2.83 7.66 9.27
N HIS B 72 -1.69 8.12 8.80
CA HIS B 72 -1.09 9.36 9.29
C HIS B 72 -1.99 10.55 8.98
N VAL B 73 -2.41 10.64 7.73
CA VAL B 73 -3.28 11.72 7.28
C VAL B 73 -4.61 11.74 8.07
N ARG B 74 -5.14 10.55 8.37
CA ARG B 74 -6.46 10.43 9.00
C ARG B 74 -6.46 10.61 10.52
N LYS B 75 -5.47 10.03 11.20
CA LYS B 75 -5.46 9.99 12.67
C LYS B 75 -4.70 11.12 13.33
N VAL B 76 -3.79 11.75 12.58
CA VAL B 76 -2.86 12.74 13.13
C VAL B 76 -2.99 14.07 12.41
N ILE B 77 -2.76 14.09 11.10
CA ILE B 77 -2.61 15.36 10.38
C ILE B 77 -3.94 16.09 10.25
N LEU B 78 -4.93 15.46 9.64
CA LEU B 78 -6.23 16.10 9.43
C LEU B 78 -6.89 16.59 10.72
N PRO B 79 -6.88 15.77 11.81
CA PRO B 79 -7.35 16.24 13.13
C PRO B 79 -6.63 17.46 13.67
N GLY B 80 -5.29 17.44 13.59
CA GLY B 80 -4.47 18.59 13.96
C GLY B 80 -4.87 19.87 13.26
N LEU B 81 -5.13 19.79 11.96
CA LEU B 81 -5.52 20.95 11.16
C LEU B 81 -6.93 21.45 11.45
N ALA B 82 -7.84 20.55 11.83
CA ALA B 82 -9.20 20.93 12.19
C ALA B 82 -9.24 21.66 13.54
N ALA B 83 -8.30 21.33 14.42
CA ALA B 83 -8.12 22.06 15.69
C ALA B 83 -7.41 23.43 15.56
N GLY B 84 -7.07 23.86 14.32
CA GLY B 84 -6.37 25.13 14.06
C GLY B 84 -4.86 25.13 14.29
N LYS B 85 -4.26 23.94 14.42
CA LYS B 85 -2.82 23.83 14.68
C LYS B 85 -2.02 23.99 13.39
N VAL B 86 -0.78 24.45 13.54
CA VAL B 86 0.18 24.37 12.45
C VAL B 86 0.80 22.97 12.53
N VAL B 87 0.47 22.13 11.56
CA VAL B 87 1.02 20.78 11.50
C VAL B 87 2.26 20.78 10.61
N ILE B 88 3.35 20.22 11.13
CA ILE B 88 4.64 20.17 10.45
C ILE B 88 5.06 18.70 10.36
N SER B 89 5.06 18.15 9.14
CA SER B 89 5.53 16.77 8.92
C SER B 89 6.95 16.71 8.32
N ASP B 90 7.82 16.03 9.06
CA ASP B 90 9.16 15.67 8.63
C ASP B 90 8.96 14.48 7.69
N ARG B 91 9.03 14.77 6.39
CA ARG B 91 8.71 13.85 5.28
C ARG B 91 7.22 13.65 5.08
N TYR B 92 6.82 13.63 3.80
CA TYR B 92 5.43 13.41 3.39
C TYR B 92 5.45 12.74 2.00
N LEU B 93 4.58 13.11 1.06
CA LEU B 93 4.40 12.39 -0.20
C LEU B 93 5.63 12.49 -1.08
N ASP B 94 6.19 13.69 -1.09
CA ASP B 94 7.40 13.99 -1.88
C ASP B 94 8.56 13.01 -1.60
N SER B 95 8.64 12.49 -0.38
CA SER B 95 9.63 11.45 -0.09
C SER B 95 9.43 10.21 -0.95
N SER B 96 8.19 9.75 -1.10
CA SER B 96 7.92 8.60 -1.97
C SER B 96 8.25 8.91 -3.43
N LEU B 97 7.86 10.10 -3.88
CA LEU B 97 8.12 10.53 -5.26
C LEU B 97 9.63 10.59 -5.54
N ALA B 98 10.40 11.16 -4.61
CA ALA B 98 11.86 11.24 -4.77
C ALA B 98 12.55 9.88 -4.64
N TYR B 99 12.24 9.12 -3.60
CA TYR B 99 12.93 7.83 -3.32
C TYR B 99 12.44 6.70 -4.20
N GLN B 100 11.14 6.38 -4.11
CA GLN B 100 10.58 5.25 -4.87
C GLN B 100 10.39 5.62 -6.35
N GLY B 101 10.02 6.87 -6.63
CA GLY B 101 9.86 7.33 -8.01
C GLY B 101 11.17 7.54 -8.75
N TYR B 102 11.86 8.65 -8.48
CA TYR B 102 13.12 8.97 -9.14
C TYR B 102 14.27 8.04 -8.75
N GLY B 103 14.28 7.57 -7.50
CA GLY B 103 15.34 6.68 -7.03
C GLY B 103 15.22 5.25 -7.51
N ARG B 104 14.11 4.60 -7.18
CA ARG B 104 13.89 3.19 -7.56
C ARG B 104 13.19 3.02 -8.91
N GLY B 105 12.74 4.12 -9.51
CA GLY B 105 12.27 4.11 -10.91
C GLY B 105 10.79 3.88 -11.15
N LEU B 106 9.96 3.90 -10.10
CA LEU B 106 8.51 3.66 -10.28
C LEU B 106 7.88 4.85 -11.01
N PRO B 107 6.85 4.60 -11.85
CA PRO B 107 6.20 5.69 -12.59
C PRO B 107 5.43 6.65 -11.70
N LEU B 108 5.80 7.94 -11.76
CA LEU B 108 5.16 9.00 -10.98
C LEU B 108 3.62 9.06 -11.09
N PRO B 109 3.07 9.00 -12.33
CA PRO B 109 1.60 9.08 -12.43
C PRO B 109 0.88 8.01 -11.62
N TRP B 110 1.38 6.77 -11.66
CA TRP B 110 0.85 5.71 -10.80
C TRP B 110 0.95 6.04 -9.31
N LEU B 111 2.10 6.57 -8.88
CA LEU B 111 2.30 6.95 -7.47
C LEU B 111 1.27 7.98 -7.01
N ARG B 112 1.07 9.02 -7.80
CA ARG B 112 0.10 10.08 -7.43
C ARG B 112 -1.34 9.59 -7.44
N GLU B 113 -1.66 8.65 -8.35
CA GLU B 113 -3.00 8.03 -8.36
C GLU B 113 -3.24 7.13 -7.16
N VAL B 114 -2.20 6.42 -6.72
CA VAL B 114 -2.23 5.71 -5.45
C VAL B 114 -2.38 6.72 -4.31
N ALA B 115 -1.56 7.76 -4.33
CA ALA B 115 -1.52 8.77 -3.26
C ALA B 115 -2.83 9.54 -3.05
N ARG B 116 -3.56 9.77 -4.14
CA ARG B 116 -4.76 10.62 -4.13
C ARG B 116 -5.83 10.18 -3.09
N GLU B 117 -6.06 8.88 -2.94
CA GLU B 117 -6.98 8.36 -1.91
C GLU B 117 -6.31 8.21 -0.54
N ALA B 118 -5.04 7.81 -0.54
CA ALA B 118 -4.26 7.72 0.69
C ALA B 118 -4.20 9.05 1.42
N THR B 119 -4.09 10.15 0.68
CA THR B 119 -3.97 11.49 1.27
C THR B 119 -5.26 12.32 1.28
N ARG B 120 -6.33 11.80 0.68
CA ARG B 120 -7.52 12.61 0.30
C ARG B 120 -7.18 13.87 -0.54
N GLY B 121 -6.07 13.84 -1.27
CA GLY B 121 -5.55 15.03 -1.96
C GLY B 121 -5.05 16.16 -1.05
N LEU B 122 -4.71 15.86 0.20
CA LEU B 122 -4.13 16.85 1.11
C LEU B 122 -2.69 17.14 0.68
N LYS B 123 -2.44 18.38 0.26
CA LYS B 123 -1.11 18.86 -0.09
C LYS B 123 -0.71 19.94 0.92
N PRO B 124 0.56 19.95 1.37
CA PRO B 124 1.01 21.05 2.23
C PRO B 124 1.05 22.38 1.51
N ARG B 125 0.82 23.46 2.25
CA ARG B 125 0.84 24.83 1.73
C ARG B 125 2.26 25.18 1.30
N LEU B 126 3.24 24.79 2.12
CA LEU B 126 4.63 25.06 1.83
C LEU B 126 5.48 23.84 2.22
N THR B 127 6.36 23.45 1.31
CA THR B 127 7.31 22.36 1.52
C THR B 127 8.72 22.95 1.45
N PHE B 128 9.51 22.73 2.51
CA PHE B 128 10.91 23.18 2.55
C PHE B 128 11.86 22.05 2.16
N LEU B 129 12.53 22.22 1.03
CA LEU B 129 13.52 21.25 0.55
C LEU B 129 14.90 21.67 1.06
N LEU B 130 15.44 20.86 1.98
CA LEU B 130 16.81 21.06 2.45
C LEU B 130 17.76 20.29 1.53
N ASP B 131 18.31 21.00 0.55
CA ASP B 131 19.06 20.38 -0.54
C ASP B 131 20.58 20.38 -0.28
N LEU B 132 21.23 19.24 -0.52
CA LEU B 132 22.70 19.14 -0.53
C LEU B 132 23.16 17.87 -1.29
N PRO B 133 24.44 17.80 -1.69
CA PRO B 133 24.92 16.56 -2.30
C PRO B 133 25.03 15.45 -1.26
N PRO B 134 24.78 14.18 -1.65
CA PRO B 134 24.82 13.09 -0.65
C PRO B 134 26.11 12.98 0.17
N GLU B 135 27.25 13.39 -0.40
CA GLU B 135 28.53 13.38 0.32
C GLU B 135 28.59 14.42 1.44
N ALA B 136 27.78 15.47 1.32
CA ALA B 136 27.67 16.52 2.35
C ALA B 136 26.65 16.23 3.45
N ALA B 137 25.95 15.09 3.38
CA ALA B 137 24.89 14.75 4.33
C ALA B 137 25.49 14.40 5.70
N LEU B 138 25.07 15.15 6.73
CA LEU B 138 25.68 15.08 8.07
C LEU B 138 25.33 13.81 8.88
N ARG B 139 24.41 12.99 8.36
CA ARG B 139 24.01 11.73 9.01
C ARG B 139 23.25 10.82 8.02
N LEU B 150 22.26 1.79 -2.22
CA LEU B 150 22.59 1.09 -3.46
C LEU B 150 23.62 1.88 -4.27
N GLY B 151 24.84 1.96 -3.75
CA GLY B 151 25.87 2.87 -4.27
C GLY B 151 25.54 4.32 -3.96
N LEU B 152 26.41 5.23 -4.39
CA LEU B 152 26.11 6.66 -4.34
C LEU B 152 25.06 7.05 -5.39
N GLU B 153 25.10 6.41 -6.55
CA GLU B 153 24.23 6.77 -7.70
C GLU B 153 22.73 6.85 -7.34
N PHE B 154 22.25 5.94 -6.50
CA PHE B 154 20.87 5.99 -5.98
C PHE B 154 20.58 7.31 -5.27
N PHE B 155 21.50 7.76 -4.43
CA PHE B 155 21.33 9.00 -3.66
C PHE B 155 21.42 10.26 -4.54
N ARG B 156 22.18 10.20 -5.63
CA ARG B 156 22.18 11.28 -6.64
C ARG B 156 20.81 11.43 -7.27
N ARG B 157 20.22 10.30 -7.68
CA ARG B 157 18.91 10.28 -8.32
C ARG B 157 17.81 10.85 -7.44
N VAL B 158 17.89 10.59 -6.13
CA VAL B 158 16.89 11.07 -5.17
C VAL B 158 16.98 12.58 -4.99
N ARG B 159 18.21 13.08 -4.89
CA ARG B 159 18.46 14.52 -4.75
C ARG B 159 17.99 15.29 -5.98
N GLU B 160 18.41 14.85 -7.17
CA GLU B 160 17.94 15.44 -8.44
C GLU B 160 16.43 15.36 -8.56
N GLY B 161 15.85 14.23 -8.13
CA GLY B 161 14.40 14.05 -8.11
C GLY B 161 13.69 15.10 -7.29
N TYR B 162 14.20 15.35 -6.08
CA TYR B 162 13.69 16.43 -5.23
C TYR B 162 13.74 17.76 -5.96
N LEU B 163 14.89 18.08 -6.54
CA LEU B 163 15.09 19.34 -7.26
C LEU B 163 14.16 19.46 -8.45
N ALA B 164 13.90 18.34 -9.12
CA ALA B 164 12.96 18.28 -10.25
C ALA B 164 11.52 18.52 -9.80
N LEU B 165 11.17 17.99 -8.63
CA LEU B 165 9.85 18.22 -8.05
C LEU B 165 9.66 19.68 -7.70
N ALA B 166 10.68 20.25 -7.07
CA ALA B 166 10.67 21.65 -6.69
C ALA B 166 10.50 22.60 -7.86
N ARG B 167 11.26 22.40 -8.94
CA ARG B 167 11.12 23.27 -10.12
C ARG B 167 9.80 23.06 -10.90
N ALA B 168 9.13 21.93 -10.68
CA ALA B 168 7.79 21.71 -11.25
C ALA B 168 6.69 22.51 -10.52
N GLU B 169 6.81 22.61 -9.19
CA GLU B 169 5.91 23.40 -8.35
C GLU B 169 6.69 24.49 -7.61
N PRO B 170 7.11 25.57 -8.31
CA PRO B 170 7.84 26.64 -7.61
C PRO B 170 7.01 27.38 -6.54
N GLY B 171 5.69 27.27 -6.59
CA GLY B 171 4.80 27.86 -5.58
C GLY B 171 4.72 27.14 -4.24
N ARG B 172 5.01 25.84 -4.21
CA ARG B 172 4.92 25.04 -3.00
C ARG B 172 6.29 24.73 -2.38
N PHE B 173 7.31 24.57 -3.23
CA PHE B 173 8.66 24.30 -2.77
C PHE B 173 9.45 25.57 -2.50
N VAL B 174 10.22 25.55 -1.42
CA VAL B 174 11.21 26.57 -1.10
C VAL B 174 12.52 25.80 -0.91
N VAL B 175 13.49 26.03 -1.80
CA VAL B 175 14.73 25.28 -1.83
C VAL B 175 15.80 26.02 -1.05
N LEU B 176 16.29 25.36 0.00
CA LEU B 176 17.22 25.95 0.93
C LEU B 176 18.53 25.22 0.83
N ASP B 177 19.62 25.96 0.77
CA ASP B 177 20.96 25.35 0.77
C ASP B 177 21.25 24.82 2.18
N ALA B 178 21.12 23.51 2.32
CA ALA B 178 21.26 22.83 3.62
C ALA B 178 22.66 22.80 4.26
N THR B 179 23.69 23.20 3.50
CA THR B 179 25.06 23.32 4.03
C THR B 179 25.32 24.60 4.83
N LEU B 180 24.42 25.59 4.74
CA LEU B 180 24.59 26.82 5.52
C LEU B 180 24.41 26.52 7.02
N PRO B 181 24.87 27.45 7.91
CA PRO B 181 24.63 27.29 9.34
C PRO B 181 23.14 27.15 9.65
N GLU B 182 22.81 26.31 10.64
CA GLU B 182 21.41 26.02 10.93
C GLU B 182 20.59 27.24 11.36
N GLU B 183 21.25 28.20 12.03
CA GLU B 183 20.58 29.44 12.48
C GLU B 183 20.05 30.31 11.33
N GLU B 184 20.82 30.44 10.25
CA GLU B 184 20.38 31.28 9.12
C GLU B 184 19.42 30.55 8.21
N ILE B 185 19.54 29.22 8.14
CA ILE B 185 18.53 28.41 7.46
C ILE B 185 17.18 28.60 8.17
N ALA B 186 17.21 28.60 9.50
CA ALA B 186 16.00 28.82 10.30
C ALA B 186 15.32 30.17 10.02
N ARG B 187 16.13 31.22 9.88
CA ARG B 187 15.61 32.57 9.60
C ARG B 187 15.00 32.72 8.21
N ALA B 188 15.54 31.97 7.23
CA ALA B 188 15.01 31.95 5.87
C ALA B 188 13.63 31.29 5.80
N ILE B 189 13.52 30.13 6.46
CA ILE B 189 12.22 29.46 6.64
C ILE B 189 11.22 30.41 7.30
N GLN B 190 11.66 31.08 8.36
CA GLN B 190 10.84 32.09 9.04
C GLN B 190 10.42 33.23 8.09
N ALA B 191 11.35 33.70 7.27
CA ALA B 191 11.06 34.75 6.28
C ALA B 191 9.96 34.35 5.30
N HIS B 192 10.09 33.18 4.67
CA HIS B 192 9.07 32.67 3.74
C HIS B 192 7.72 32.43 4.40
N LEU B 193 7.76 32.00 5.67
CA LEU B 193 6.55 31.66 6.39
C LEU B 193 5.79 32.89 6.91
N ARG B 194 6.49 34.01 7.11
CA ARG B 194 5.89 35.21 7.74
C ARG B 194 4.54 35.65 7.13
N PRO B 195 4.47 35.86 5.80
CA PRO B 195 3.20 36.25 5.13
C PRO B 195 1.96 35.38 5.40
N LEU B 196 2.17 34.11 5.73
CA LEU B 196 1.07 33.18 5.98
C LEU B 196 0.55 33.19 7.44
N LEU B 197 1.20 33.96 8.32
CA LEU B 197 0.66 34.29 9.65
C LEU B 197 0.39 35.81 9.75
N PRO B 198 -0.36 36.24 10.79
CA PRO B 198 -0.48 37.68 11.09
C PRO B 198 0.72 38.23 11.86
PB ADP C . -11.93 -20.99 4.32
O1B ADP C . -11.86 -19.99 5.46
O2B ADP C . -10.58 -21.48 3.86
O3B ADP C . -12.82 -20.62 3.18
PA ADP C . -12.05 -23.58 5.52
O1A ADP C . -11.11 -23.13 6.62
O2A ADP C . -11.52 -24.44 4.38
O3A ADP C . -12.75 -22.26 4.91
O5' ADP C . -13.29 -24.37 6.19
C5' ADP C . -14.02 -23.83 7.30
C4' ADP C . -14.65 -24.94 8.15
O4' ADP C . -15.70 -25.53 7.39
C3' ADP C . -13.67 -26.05 8.52
O3' ADP C . -13.89 -26.46 9.88
C2' ADP C . -13.97 -27.14 7.51
O2' ADP C . -13.75 -28.46 7.99
C1' ADP C . -15.44 -26.92 7.14
N9 ADP C . -15.84 -27.25 5.75
C8 ADP C . -15.09 -27.19 4.61
N7 ADP C . -15.82 -27.57 3.53
C5 ADP C . -17.06 -27.88 3.95
C6 ADP C . -18.33 -28.35 3.33
N6 ADP C . -18.40 -28.57 2.00
N1 ADP C . -19.41 -28.57 4.13
C2 ADP C . -19.35 -28.35 5.46
N3 ADP C . -18.23 -27.92 6.08
C4 ADP C . -17.07 -27.67 5.41
MG MG D . -8.65 -14.65 -7.49
MG MG E . -3.94 -4.87 -5.04
MG MG F . -24.56 -9.70 -7.42
MG MG G . -14.85 -9.29 -12.36
MG MG H . -8.65 -20.03 4.82
CL CL I . -14.01 -14.12 -18.38
PA TYD J . -7.41 -15.67 5.29
O1A TYD J . -5.98 -15.66 5.75
O2A TYD J . -7.81 -16.42 4.02
O3A TYD J . -8.35 -16.19 6.51
PB TYD J . -7.72 -16.84 7.85
O1B TYD J . -8.94 -17.40 8.57
O2B TYD J . -6.76 -17.91 7.38
O3B TYD J . -7.05 -15.66 8.53
O5' TYD J . -7.83 -14.13 5.12
C5' TYD J . -7.59 -13.18 6.15
C4' TYD J . -8.64 -12.09 6.11
O4' TYD J . -8.27 -11.08 5.18
C3' TYD J . -10.01 -12.59 5.66
O3' TYD J . -10.98 -12.03 6.52
C2' TYD J . -10.14 -12.07 4.25
C1' TYD J . -9.35 -10.77 4.31
N1 TYD J . -8.81 -10.30 3.01
C2 TYD J . -9.23 -9.06 2.47
O2 TYD J . -10.08 -8.37 3.07
N3 TYD J . -8.72 -8.60 1.31
C4 TYD J . -7.81 -9.30 0.63
O4 TYD J . -7.36 -8.85 -0.44
C5 TYD J . -7.34 -10.60 1.17
C5M TYD J . -6.31 -11.45 0.46
C6 TYD J . -7.88 -11.04 2.37
P TMP K . 14.07 7.55 9.12
O1P TMP K . 13.31 6.64 10.05
O2P TMP K . 15.59 7.42 9.20
O3P TMP K . 13.60 8.98 9.04
O5' TMP K . 13.70 6.94 7.68
C5' TMP K . 14.03 7.71 6.54
C4' TMP K . 14.18 6.77 5.37
O4' TMP K . 12.90 6.35 4.90
C3' TMP K . 14.90 7.45 4.21
O3' TMP K . 16.11 6.74 3.94
C2' TMP K . 13.95 7.36 3.04
C1' TMP K . 12.86 6.40 3.47
N1 TMP K . 11.56 6.83 2.97
C2 TMP K . 11.16 6.51 1.63
O2 TMP K . 11.92 5.86 0.90
N3 TMP K . 9.96 6.87 1.16
C4 TMP K . 9.10 7.55 1.90
O4 TMP K . 7.99 7.87 1.43
C5 TMP K . 9.47 7.92 3.29
C5M TMP K . 8.52 8.70 4.16
C6 TMP K . 10.71 7.53 3.75
MG MG L . 1.21 7.57 -0.78
MG MG M . 5.09 6.62 5.15
MG MG N . 6.33 18.75 -8.20
CL CL O . 2.01 16.83 -1.82
CL CL P . -2.68 24.34 4.93
CL CL Q . 17.42 14.93 8.60
#